data_4AFP
#
_entry.id   4AFP
#
_cell.length_a   78.217
_cell.length_b   49.787
_cell.length_c   85.224
_cell.angle_alpha   90.00
_cell.angle_beta   117.10
_cell.angle_gamma   90.00
#
_symmetry.space_group_name_H-M   'C 1 2 1'
#
loop_
_entity.id
_entity.type
_entity.pdbx_description
1 polymer 'METACASPASE MCA2'
2 non-polymer 'SAMARIUM (III) ION'
3 water water
#
_entity_poly.entity_id   1
_entity_poly.type   'polypeptide(L)'
_entity_poly.pdbx_seq_one_letter_code
;MGSSHHHHHHSSGLVPGGSHMCSLITQLCDAGQLADYVGLGWLNAVSSQPYLVQALGLQPPPRRVDVDAAFRDAKGLHGH
QPWVATPLPGQTVRALFIGINYYGTSAALSGCCNDVKQMLATLQKKGLPINEAVILVDEDNFPGRTDQPTRDNIVRYMAW
LVKDAKPGDVLFFHYSGHGTQCKSRGDSDEKYDQCIAPVDFQKSGCIVDDDIHKLLFSRLPEKVRLTAVFDCGHSGSIMD
LPFTYVCSGGEQASGTPHMKRIREGNDVLGDVMMISGCADEQTSADVKNTATFGTGSTGAGGAATQCITCMLMNNQSLSY
GKLLIETRDMLKRKRFKQVPQLSASKAIDLDQTFSLTEMFSVDRSIQ
;
_entity_poly.pdbx_strand_id   A
#
loop_
_chem_comp.id
_chem_comp.type
_chem_comp.name
_chem_comp.formula
SM non-polymer 'SAMARIUM (III) ION' 'Sm 3'
#
# COMPACT_ATOMS: atom_id res chain seq x y z
N SER A 23 15.91 -2.08 -20.95
CA SER A 23 14.60 -1.84 -21.64
C SER A 23 13.42 -2.40 -20.85
N LEU A 24 12.23 -1.90 -21.18
CA LEU A 24 10.96 -2.48 -20.71
C LEU A 24 10.25 -3.14 -21.90
N ILE A 25 9.65 -4.31 -21.64
CA ILE A 25 8.85 -5.04 -22.66
C ILE A 25 7.60 -4.24 -23.08
N THR A 26 7.52 -3.92 -24.37
CA THR A 26 6.48 -3.02 -24.90
C THR A 26 5.50 -3.70 -25.86
N GLN A 27 5.84 -4.91 -26.32
CA GLN A 27 4.96 -5.69 -27.19
C GLN A 27 4.69 -7.07 -26.59
N LEU A 28 3.46 -7.56 -26.80
CA LEU A 28 3.02 -8.86 -26.28
C LEU A 28 3.68 -10.07 -26.95
N CYS A 29 4.53 -9.81 -27.93
CA CYS A 29 5.32 -10.85 -28.59
C CYS A 29 6.74 -10.95 -28.00
N ASP A 30 7.17 -9.88 -27.32
CA ASP A 30 8.51 -9.83 -26.73
C ASP A 30 8.78 -11.04 -25.83
N ALA A 31 8.01 -11.14 -24.74
CA ALA A 31 8.13 -12.25 -23.78
C ALA A 31 6.92 -13.19 -23.82
N GLY A 32 6.11 -13.07 -24.87
CA GLY A 32 4.86 -13.82 -24.99
C GLY A 32 3.71 -13.13 -24.29
N GLN A 33 2.58 -13.83 -24.19
N GLN A 33 2.60 -13.86 -24.17
CA GLN A 33 1.36 -13.28 -23.61
CA GLN A 33 1.37 -13.37 -23.55
C GLN A 33 1.49 -12.98 -22.12
C GLN A 33 1.58 -12.94 -22.11
N LEU A 34 1.01 -11.79 -21.75
CA LEU A 34 1.01 -11.33 -20.35
C LEU A 34 -0.43 -11.31 -19.83
N ALA A 35 -0.55 -11.31 -18.50
CA ALA A 35 -1.84 -11.30 -17.81
C ALA A 35 -2.71 -10.10 -18.17
N ASP A 36 -3.97 -10.38 -18.50
CA ASP A 36 -4.96 -9.32 -18.63
C ASP A 36 -5.89 -9.47 -17.44
N TYR A 37 -5.52 -8.81 -16.34
CA TYR A 37 -6.28 -8.82 -15.10
C TYR A 37 -7.62 -8.12 -15.21
N VAL A 38 -7.66 -7.03 -15.97
CA VAL A 38 -8.91 -6.37 -16.25
C VAL A 38 -9.81 -7.36 -16.95
N GLY A 39 -9.25 -8.09 -17.93
CA GLY A 39 -10.01 -9.05 -18.70
C GLY A 39 -10.58 -10.18 -17.87
N LEU A 40 -9.92 -10.49 -16.76
CA LEU A 40 -10.37 -11.57 -15.87
C LEU A 40 -11.49 -11.11 -14.95
N GLY A 41 -11.91 -9.85 -15.11
CA GLY A 41 -13.00 -9.30 -14.31
C GLY A 41 -12.56 -8.72 -12.97
N TRP A 42 -11.27 -8.48 -12.80
CA TRP A 42 -10.73 -8.06 -11.49
C TRP A 42 -10.91 -6.58 -11.16
N LEU A 43 -11.38 -5.81 -12.15
CA LEU A 43 -11.67 -4.39 -11.98
C LEU A 43 -13.12 -4.15 -11.63
N ASN A 44 -14.03 -4.78 -12.37
CA ASN A 44 -15.47 -4.48 -12.32
C ASN A 44 -16.33 -5.66 -11.96
N ALA A 45 -15.76 -6.85 -11.93
CA ALA A 45 -16.55 -8.06 -11.76
C ALA A 45 -16.21 -8.81 -10.45
N VAL A 46 -15.50 -8.12 -9.58
CA VAL A 46 -15.28 -8.61 -8.21
C VAL A 46 -15.97 -7.67 -7.23
N SER A 47 -16.18 -8.13 -6.00
CA SER A 47 -16.74 -7.26 -4.95
C SER A 47 -15.79 -6.11 -4.64
N SER A 48 -16.34 -4.90 -4.61
CA SER A 48 -15.66 -3.72 -4.10
C SER A 48 -16.37 -3.22 -2.82
N GLN A 49 -17.04 -4.16 -2.16
CA GLN A 49 -17.78 -3.88 -0.92
C GLN A 49 -16.93 -4.18 0.31
N PRO A 50 -17.30 -3.65 1.49
CA PRO A 50 -16.61 -4.10 2.69
C PRO A 50 -16.76 -5.60 2.91
N TYR A 51 -15.75 -6.19 3.56
CA TYR A 51 -15.81 -7.56 4.02
C TYR A 51 -15.48 -7.56 5.51
N LEU A 52 -15.89 -8.60 6.22
CA LEU A 52 -15.71 -8.63 7.67
C LEU A 52 -14.26 -9.00 8.05
N VAL A 53 -13.68 -8.21 8.95
CA VAL A 53 -12.38 -8.54 9.54
C VAL A 53 -12.63 -8.73 11.03
N GLN A 54 -12.52 -9.97 11.51
CA GLN A 54 -12.59 -10.24 12.94
C GLN A 54 -11.21 -9.98 13.55
N ALA A 55 -11.15 -9.27 14.67
CA ALA A 55 -9.88 -8.96 15.30
C ALA A 55 -9.11 -10.22 15.67
N LEU A 56 -7.85 -10.28 15.25
CA LEU A 56 -6.94 -11.40 15.56
C LEU A 56 -6.66 -11.57 17.06
N GLY A 57 -6.67 -10.46 17.79
CA GLY A 57 -6.31 -10.49 19.22
C GLY A 57 -4.81 -10.34 19.48
N LEU A 58 -4.46 -10.24 20.76
CA LEU A 58 -3.10 -10.02 21.21
C LEU A 58 -2.19 -11.20 20.84
N GLN A 59 -1.01 -10.88 20.31
CA GLN A 59 -0.08 -11.89 19.84
C GLN A 59 1.15 -11.96 20.73
N PRO A 60 1.83 -13.12 20.75
CA PRO A 60 3.07 -13.17 21.52
C PRO A 60 4.16 -12.31 20.84
N PRO A 61 5.28 -12.07 21.54
CA PRO A 61 6.29 -11.23 20.92
C PRO A 61 6.82 -11.88 19.64
N PRO A 62 7.07 -11.07 18.61
CA PRO A 62 7.59 -11.52 17.32
C PRO A 62 9.10 -11.72 17.36
N ARG A 63 9.62 -12.38 16.32
CA ARG A 63 11.05 -12.39 16.06
C ARG A 63 11.38 -11.09 15.32
N ARG A 64 12.19 -10.24 15.96
CA ARG A 64 12.55 -8.96 15.36
C ARG A 64 13.40 -9.14 14.10
N VAL A 65 13.22 -8.24 13.15
CA VAL A 65 13.88 -8.33 11.85
C VAL A 65 15.38 -7.95 11.93
N ASP A 66 16.20 -8.80 11.33
CA ASP A 66 17.62 -8.56 11.13
C ASP A 66 17.72 -8.02 9.70
N VAL A 67 17.81 -6.70 9.55
CA VAL A 67 17.83 -6.07 8.21
C VAL A 67 18.96 -6.63 7.32
N ASP A 68 20.10 -6.94 7.94
CA ASP A 68 21.25 -7.51 7.24
C ASP A 68 20.95 -8.88 6.60
N ALA A 69 20.34 -9.78 7.37
CA ALA A 69 19.82 -11.06 6.87
C ALA A 69 18.74 -10.89 5.81
N ALA A 70 17.86 -9.91 6.01
CA ALA A 70 16.81 -9.61 5.05
C ALA A 70 17.38 -9.23 3.68
N PHE A 71 18.31 -8.28 3.67
CA PHE A 71 18.99 -7.86 2.44
C PHE A 71 19.87 -8.96 1.82
N ARG A 72 20.48 -9.77 2.67
CA ARG A 72 21.23 -10.94 2.22
C ARG A 72 20.29 -11.89 1.49
N ASP A 73 19.12 -12.15 2.09
CA ASP A 73 18.19 -13.11 1.52
C ASP A 73 17.44 -12.60 0.29
N ALA A 74 17.57 -11.30 0.02
CA ALA A 74 16.92 -10.61 -1.11
C ALA A 74 17.78 -10.60 -2.39
N LYS A 75 19.05 -10.99 -2.26
CA LYS A 75 19.99 -10.94 -3.38
C LYS A 75 19.64 -11.83 -4.57
N GLY A 76 19.12 -13.02 -4.30
CA GLY A 76 18.70 -13.91 -5.40
C GLY A 76 17.37 -13.56 -6.08
N LEU A 77 16.61 -12.64 -5.50
CA LEU A 77 15.20 -12.46 -5.84
C LEU A 77 14.93 -11.47 -6.97
N HIS A 78 13.88 -11.76 -7.73
CA HIS A 78 13.45 -10.89 -8.81
C HIS A 78 11.92 -10.95 -8.93
N GLY A 79 11.37 -9.96 -9.62
CA GLY A 79 9.96 -9.93 -9.96
C GLY A 79 9.78 -10.27 -11.42
N HIS A 80 8.62 -9.95 -11.96
CA HIS A 80 8.39 -10.12 -13.40
C HIS A 80 7.59 -8.93 -13.91
N GLN A 81 7.64 -8.67 -15.21
CA GLN A 81 6.84 -7.60 -15.77
C GLN A 81 5.43 -8.13 -15.95
N PRO A 82 4.43 -7.50 -15.29
CA PRO A 82 3.10 -8.07 -15.36
C PRO A 82 2.29 -7.69 -16.60
N TRP A 83 2.60 -6.57 -17.23
CA TRP A 83 1.89 -6.16 -18.45
C TRP A 83 2.74 -5.22 -19.25
N VAL A 84 2.39 -5.00 -20.52
CA VAL A 84 3.10 -3.98 -21.30
C VAL A 84 2.42 -2.63 -21.08
N ALA A 85 3.26 -1.60 -20.96
CA ALA A 85 2.79 -0.22 -20.86
C ALA A 85 3.88 0.70 -21.40
N THR A 86 3.60 2.00 -21.48
CA THR A 86 4.58 2.95 -21.96
C THR A 86 5.54 3.31 -20.84
N PRO A 87 6.83 2.99 -21.03
CA PRO A 87 7.85 3.28 -20.02
C PRO A 87 7.95 4.79 -19.74
N LEU A 88 8.17 5.15 -18.49
CA LEU A 88 8.46 6.53 -18.11
C LEU A 88 9.97 6.75 -18.26
N PRO A 89 10.38 7.77 -19.03
CA PRO A 89 11.81 8.03 -19.24
C PRO A 89 12.53 8.48 -17.97
N GLY A 90 13.68 7.88 -17.68
CA GLY A 90 14.45 8.20 -16.47
C GLY A 90 13.90 7.60 -15.18
N GLN A 91 12.91 6.72 -15.31
CA GLN A 91 12.26 6.11 -14.14
C GLN A 91 11.97 4.63 -14.36
N THR A 92 12.22 3.83 -13.33
CA THR A 92 11.73 2.44 -13.32
C THR A 92 10.75 2.21 -12.17
N VAL A 93 9.85 1.25 -12.36
CA VAL A 93 8.82 0.99 -11.37
C VAL A 93 8.97 -0.44 -10.88
N ARG A 94 9.03 -0.60 -9.55
N ARG A 94 8.98 -0.60 -9.55
CA ARG A 94 9.00 -1.92 -8.91
CA ARG A 94 9.01 -1.91 -8.91
C ARG A 94 7.81 -1.97 -7.97
C ARG A 94 7.85 -1.98 -7.92
N ALA A 95 7.20 -3.15 -7.82
CA ALA A 95 6.05 -3.30 -6.95
C ALA A 95 5.96 -4.64 -6.24
N LEU A 96 5.50 -4.59 -5.00
CA LEU A 96 5.24 -5.75 -4.17
C LEU A 96 3.77 -5.73 -3.68
N PHE A 97 3.04 -6.82 -3.93
CA PHE A 97 1.64 -6.96 -3.50
C PHE A 97 1.50 -8.15 -2.54
N ILE A 98 0.85 -7.93 -1.41
CA ILE A 98 0.69 -8.99 -0.38
C ILE A 98 -0.77 -9.08 0.02
N GLY A 99 -1.40 -10.21 -0.25
CA GLY A 99 -2.78 -10.42 0.17
C GLY A 99 -2.84 -11.72 0.91
N ILE A 100 -3.49 -11.73 2.06
CA ILE A 100 -3.53 -12.96 2.88
C ILE A 100 -4.95 -13.23 3.38
N ASN A 101 -5.51 -14.37 2.97
CA ASN A 101 -6.83 -14.83 3.42
C ASN A 101 -6.80 -15.83 4.59
N TYR A 102 -5.62 -16.32 4.96
CA TYR A 102 -5.48 -17.21 6.12
C TYR A 102 -6.50 -18.37 6.04
N TYR A 103 -6.61 -18.99 4.85
CA TYR A 103 -7.59 -20.05 4.59
C TYR A 103 -7.51 -21.18 5.64
N GLY A 104 -8.66 -21.63 6.11
CA GLY A 104 -8.73 -22.82 6.94
C GLY A 104 -8.65 -22.59 8.43
N THR A 105 -8.29 -21.35 8.80
CA THR A 105 -8.03 -20.96 10.19
C THR A 105 -9.18 -20.11 10.76
N SER A 106 -9.16 -19.85 12.06
CA SER A 106 -10.12 -18.96 12.71
C SER A 106 -9.86 -17.51 12.31
N ALA A 107 -8.70 -17.29 11.69
CA ALA A 107 -8.27 -15.96 11.26
C ALA A 107 -8.64 -15.71 9.80
N ALA A 108 -9.41 -16.62 9.21
CA ALA A 108 -9.74 -16.57 7.79
C ALA A 108 -10.48 -15.28 7.41
N LEU A 109 -10.05 -14.69 6.30
CA LEU A 109 -10.62 -13.46 5.77
C LEU A 109 -11.04 -13.72 4.35
N SER A 110 -12.15 -13.12 3.92
CA SER A 110 -12.71 -13.40 2.60
C SER A 110 -12.20 -12.45 1.51
N GLY A 111 -11.76 -11.26 1.89
CA GLY A 111 -11.54 -10.21 0.88
C GLY A 111 -10.14 -9.72 0.58
N CYS A 112 -9.12 -10.27 1.24
CA CYS A 112 -7.76 -9.72 1.15
C CYS A 112 -7.06 -9.99 -0.19
N CYS A 113 -7.11 -11.24 -0.66
CA CYS A 113 -6.56 -11.57 -1.97
C CYS A 113 -7.38 -10.92 -3.07
N ASN A 114 -8.66 -10.71 -2.81
CA ASN A 114 -9.51 -9.98 -3.72
C ASN A 114 -9.13 -8.52 -3.80
N ASP A 115 -8.69 -7.94 -2.67
CA ASP A 115 -8.15 -6.58 -2.69
C ASP A 115 -6.96 -6.50 -3.63
N VAL A 116 -6.07 -7.50 -3.57
CA VAL A 116 -4.90 -7.49 -4.44
C VAL A 116 -5.32 -7.55 -5.92
N LYS A 117 -6.33 -8.37 -6.22
CA LYS A 117 -6.93 -8.46 -7.56
C LYS A 117 -7.28 -7.09 -8.15
N GLN A 118 -8.03 -6.32 -7.36
CA GLN A 118 -8.46 -4.98 -7.76
C GLN A 118 -7.32 -4.01 -7.87
N MET A 119 -6.36 -4.13 -6.95
CA MET A 119 -5.17 -3.30 -7.00
C MET A 119 -4.43 -3.53 -8.29
N LEU A 120 -4.24 -4.81 -8.64
CA LEU A 120 -3.51 -5.17 -9.86
C LEU A 120 -4.24 -4.73 -11.12
N ALA A 121 -5.55 -4.98 -11.19
CA ALA A 121 -6.36 -4.55 -12.33
C ALA A 121 -6.39 -3.02 -12.50
N THR A 122 -6.45 -2.30 -11.39
CA THR A 122 -6.53 -0.84 -11.42
C THR A 122 -5.25 -0.23 -11.95
N LEU A 123 -4.11 -0.79 -11.51
CA LEU A 123 -2.81 -0.33 -11.96
C LEU A 123 -2.60 -0.61 -13.44
N GLN A 124 -3.12 -1.75 -13.89
CA GLN A 124 -3.04 -2.13 -15.29
C GLN A 124 -3.89 -1.20 -16.13
N LYS A 125 -5.15 -1.02 -15.72
CA LYS A 125 -6.09 -0.15 -16.41
C LYS A 125 -5.52 1.27 -16.57
N LYS A 126 -4.77 1.73 -15.57
CA LYS A 126 -4.16 3.05 -15.60
C LYS A 126 -2.79 3.08 -16.29
N GLY A 127 -2.37 1.92 -16.76
CA GLY A 127 -1.11 1.83 -17.51
C GLY A 127 0.11 2.17 -16.69
N LEU A 128 0.14 1.81 -15.40
CA LEU A 128 1.38 1.98 -14.64
C LEU A 128 2.42 0.99 -15.17
N PRO A 129 3.54 1.50 -15.72
CA PRO A 129 4.53 0.60 -16.33
C PRO A 129 5.48 -0.02 -15.32
N ILE A 130 5.02 -1.07 -14.65
CA ILE A 130 5.85 -1.80 -13.69
C ILE A 130 6.91 -2.71 -14.36
N ASN A 131 8.18 -2.46 -14.06
CA ASN A 131 9.25 -3.32 -14.56
C ASN A 131 9.25 -4.71 -13.94
N GLU A 132 9.19 -4.77 -12.61
CA GLU A 132 9.15 -6.03 -11.87
C GLU A 132 8.11 -5.92 -10.77
N ALA A 133 7.22 -6.91 -10.72
CA ALA A 133 6.22 -7.03 -9.67
C ALA A 133 6.49 -8.33 -8.98
N VAL A 134 6.21 -8.37 -7.66
CA VAL A 134 6.19 -9.60 -6.87
C VAL A 134 4.82 -9.69 -6.21
N ILE A 135 4.15 -10.83 -6.38
CA ILE A 135 2.83 -11.03 -5.81
C ILE A 135 2.89 -12.15 -4.78
N LEU A 136 2.66 -11.81 -3.52
CA LEU A 136 2.60 -12.81 -2.47
C LEU A 136 1.18 -12.95 -1.99
N VAL A 137 0.51 -13.97 -2.50
CA VAL A 137 -0.86 -14.25 -2.09
C VAL A 137 -0.97 -15.72 -1.70
N ASP A 138 -1.93 -16.04 -0.83
CA ASP A 138 -2.16 -17.42 -0.47
C ASP A 138 -3.27 -18.10 -1.29
N GLU A 139 -3.88 -17.36 -2.22
CA GLU A 139 -4.93 -17.92 -3.07
C GLU A 139 -4.33 -18.81 -4.14
N ASP A 140 -4.86 -20.03 -4.28
N ASP A 140 -4.88 -20.02 -4.27
CA ASP A 140 -4.36 -20.97 -5.27
CA ASP A 140 -4.45 -21.00 -5.27
C ASP A 140 -4.77 -20.52 -6.66
C ASP A 140 -4.80 -20.54 -6.68
N ASN A 141 -3.97 -20.91 -7.65
CA ASN A 141 -4.19 -20.54 -9.08
C ASN A 141 -4.43 -19.04 -9.34
N PHE A 142 -3.65 -18.20 -8.67
CA PHE A 142 -3.74 -16.75 -8.81
C PHE A 142 -2.71 -16.36 -9.86
N PRO A 143 -3.15 -15.88 -11.05
CA PRO A 143 -2.17 -15.65 -12.13
C PRO A 143 -1.12 -14.62 -11.72
N GLY A 144 0.15 -14.95 -11.95
CA GLY A 144 1.27 -14.11 -11.54
C GLY A 144 1.77 -14.25 -10.11
N ARG A 145 1.16 -15.14 -9.32
CA ARG A 145 1.62 -15.39 -7.94
C ARG A 145 3.11 -15.82 -7.92
N THR A 146 3.91 -15.06 -7.17
CA THR A 146 5.34 -15.30 -7.06
C THR A 146 5.63 -16.35 -5.99
N ASP A 147 5.08 -16.14 -4.79
CA ASP A 147 5.33 -17.03 -3.66
C ASP A 147 4.26 -16.86 -2.58
N GLN A 148 4.40 -17.64 -1.50
CA GLN A 148 3.46 -17.59 -0.40
C GLN A 148 3.82 -16.41 0.52
N PRO A 149 2.82 -15.68 1.04
CA PRO A 149 3.15 -14.55 1.94
C PRO A 149 3.50 -15.00 3.37
N THR A 150 4.57 -15.76 3.51
CA THR A 150 5.09 -16.21 4.81
C THR A 150 5.88 -15.05 5.45
N ARG A 151 6.18 -15.18 6.76
CA ARG A 151 7.01 -14.19 7.46
C ARG A 151 8.32 -13.94 6.72
N ASP A 152 9.04 -15.02 6.43
CA ASP A 152 10.34 -14.89 5.77
C ASP A 152 10.24 -14.36 4.33
N ASN A 153 9.17 -14.68 3.61
CA ASN A 153 8.97 -14.11 2.28
C ASN A 153 8.59 -12.64 2.28
N ILE A 154 7.68 -12.25 3.16
CA ILE A 154 7.32 -10.85 3.29
C ILE A 154 8.56 -10.00 3.64
N VAL A 155 9.32 -10.45 4.63
CA VAL A 155 10.53 -9.74 5.08
C VAL A 155 11.56 -9.59 3.95
N ARG A 156 11.94 -10.70 3.31
CA ARG A 156 12.95 -10.65 2.26
C ARG A 156 12.51 -9.92 0.99
N TYR A 157 11.23 -10.06 0.63
CA TYR A 157 10.70 -9.34 -0.54
C TYR A 157 10.51 -7.85 -0.27
N MET A 158 10.28 -7.48 1.00
CA MET A 158 10.30 -6.05 1.37
C MET A 158 11.67 -5.42 1.11
N ALA A 159 12.73 -6.17 1.46
CA ALA A 159 14.10 -5.76 1.19
C ALA A 159 14.38 -5.73 -0.31
N TRP A 160 13.93 -6.77 -1.03
CA TRP A 160 13.93 -6.76 -2.49
C TRP A 160 13.38 -5.46 -3.12
N LEU A 161 12.26 -4.97 -2.59
CA LEU A 161 11.56 -3.85 -3.21
C LEU A 161 12.39 -2.58 -3.20
N VAL A 162 13.08 -2.33 -2.08
CA VAL A 162 13.83 -1.09 -1.85
C VAL A 162 15.31 -1.17 -2.26
N LYS A 163 15.86 -2.39 -2.36
CA LYS A 163 17.31 -2.59 -2.50
C LYS A 163 18.00 -1.90 -3.68
N ASP A 164 17.35 -1.86 -4.84
CA ASP A 164 18.00 -1.29 -6.04
C ASP A 164 17.59 0.16 -6.34
N ALA A 165 16.98 0.81 -5.36
CA ALA A 165 16.37 2.13 -5.55
C ALA A 165 17.38 3.23 -5.90
N LYS A 166 17.24 3.78 -7.12
CA LYS A 166 18.09 4.89 -7.56
C LYS A 166 17.21 6.10 -7.82
N PRO A 167 17.78 7.33 -7.76
CA PRO A 167 17.00 8.54 -8.07
C PRO A 167 16.10 8.38 -9.31
N GLY A 168 14.85 8.80 -9.17
CA GLY A 168 13.89 8.63 -10.24
C GLY A 168 13.02 7.38 -10.11
N ASP A 169 13.46 6.40 -9.33
CA ASP A 169 12.72 5.14 -9.20
C ASP A 169 11.38 5.32 -8.48
N VAL A 170 10.41 4.50 -8.88
CA VAL A 170 9.05 4.53 -8.32
C VAL A 170 8.77 3.14 -7.75
N LEU A 171 8.33 3.13 -6.50
CA LEU A 171 8.04 1.90 -5.79
C LEU A 171 6.59 1.91 -5.37
N PHE A 172 5.96 0.74 -5.41
CA PHE A 172 4.59 0.60 -4.96
C PHE A 172 4.47 -0.62 -4.04
N PHE A 173 3.81 -0.43 -2.90
CA PHE A 173 3.64 -1.51 -1.95
C PHE A 173 2.19 -1.62 -1.50
N HIS A 174 1.67 -2.84 -1.48
CA HIS A 174 0.29 -3.08 -1.09
C HIS A 174 0.21 -4.30 -0.17
N TYR A 175 -0.39 -4.07 0.99
CA TYR A 175 -0.68 -5.14 1.92
C TYR A 175 -2.17 -5.15 2.27
N SER A 176 -2.78 -6.32 2.08
CA SER A 176 -4.11 -6.60 2.62
C SER A 176 -4.02 -7.90 3.43
N GLY A 177 -4.35 -7.79 4.71
CA GLY A 177 -4.33 -8.94 5.62
C GLY A 177 -4.64 -8.45 7.01
N HIS A 178 -4.46 -9.29 8.02
CA HIS A 178 -4.59 -8.89 9.42
C HIS A 178 -3.51 -7.92 9.89
N GLY A 179 -3.97 -6.89 10.59
CA GLY A 179 -3.13 -6.08 11.44
C GLY A 179 -3.62 -6.33 12.85
N THR A 180 -2.70 -6.37 13.80
CA THR A 180 -3.01 -6.68 15.19
C THR A 180 -2.01 -5.98 16.12
N GLN A 181 -2.12 -6.25 17.42
CA GLN A 181 -1.12 -5.79 18.38
C GLN A 181 -0.36 -7.00 18.91
N CYS A 182 0.92 -6.83 19.19
CA CYS A 182 1.71 -7.89 19.76
C CYS A 182 2.54 -7.41 20.94
N LYS A 183 2.80 -8.32 21.87
CA LYS A 183 3.59 -8.03 23.05
C LYS A 183 5.03 -7.72 22.66
N SER A 184 5.70 -6.91 23.49
CA SER A 184 7.15 -6.68 23.36
C SER A 184 7.91 -7.58 24.34
N ARG A 185 9.17 -7.90 24.03
CA ARG A 185 10.01 -8.66 24.95
C ARG A 185 10.61 -7.74 26.00
N TYR A 192 2.99 -2.88 24.16
CA TYR A 192 2.44 -3.41 22.91
C TYR A 192 2.88 -2.59 21.69
N ASP A 193 2.86 -3.24 20.53
CA ASP A 193 3.09 -2.52 19.28
C ASP A 193 2.16 -3.04 18.18
N GLN A 194 1.97 -2.22 17.14
CA GLN A 194 1.20 -2.64 16.00
C GLN A 194 2.04 -3.62 15.19
N CYS A 195 1.39 -4.59 14.58
CA CYS A 195 2.07 -5.58 13.75
C CYS A 195 1.13 -6.18 12.70
N ILE A 196 1.73 -6.72 11.64
CA ILE A 196 0.97 -7.45 10.63
C ILE A 196 1.25 -8.94 10.75
N ALA A 197 0.28 -9.75 10.34
CA ALA A 197 0.37 -11.21 10.48
C ALA A 197 0.59 -11.89 9.12
N PRO A 198 1.76 -12.51 8.95
CA PRO A 198 2.00 -13.35 7.78
C PRO A 198 1.10 -14.58 7.80
N VAL A 199 0.95 -15.23 6.66
CA VAL A 199 0.10 -16.42 6.57
C VAL A 199 0.51 -17.51 7.57
N ASP A 200 1.80 -17.54 7.92
CA ASP A 200 2.34 -18.53 8.85
C ASP A 200 2.65 -17.91 10.22
N PHE A 201 1.88 -16.90 10.60
CA PHE A 201 2.12 -16.20 11.87
C PHE A 201 2.07 -17.12 13.09
N GLN A 202 1.22 -18.16 13.00
CA GLN A 202 1.03 -19.16 14.07
C GLN A 202 2.35 -19.80 14.50
N LYS A 203 3.21 -20.05 13.52
CA LYS A 203 4.49 -20.71 13.69
C LYS A 203 5.66 -19.72 13.73
N SER A 204 5.59 -18.66 12.91
CA SER A 204 6.73 -17.76 12.73
C SER A 204 6.56 -16.42 13.42
N GLY A 205 5.35 -16.12 13.87
CA GLY A 205 5.08 -14.86 14.56
C GLY A 205 4.79 -13.72 13.59
N CYS A 206 4.45 -12.56 14.14
CA CYS A 206 4.14 -11.35 13.36
C CYS A 206 5.37 -10.49 13.04
N ILE A 207 5.12 -9.39 12.32
CA ILE A 207 6.17 -8.42 12.01
C ILE A 207 5.71 -7.07 12.53
N VAL A 208 6.44 -6.51 13.51
CA VAL A 208 6.09 -5.21 14.10
C VAL A 208 6.22 -4.07 13.10
N ASP A 209 5.41 -3.03 13.27
CA ASP A 209 5.49 -1.87 12.38
C ASP A 209 6.89 -1.22 12.36
N ASP A 210 7.58 -1.17 13.50
CA ASP A 210 8.97 -0.67 13.58
C ASP A 210 9.90 -1.30 12.55
N ASP A 211 9.78 -2.62 12.38
CA ASP A 211 10.56 -3.35 11.40
C ASP A 211 10.11 -3.12 9.95
N ILE A 212 8.80 -2.94 9.74
CA ILE A 212 8.28 -2.58 8.41
C ILE A 212 8.82 -1.20 8.01
N HIS A 213 8.74 -0.25 8.93
CA HIS A 213 9.29 1.09 8.73
C HIS A 213 10.80 1.05 8.40
N LYS A 214 11.57 0.23 9.14
CA LYS A 214 13.01 0.09 8.91
C LYS A 214 13.36 -0.55 7.57
N LEU A 215 12.55 -1.51 7.14
CA LEU A 215 12.81 -2.21 5.89
C LEU A 215 12.37 -1.36 4.71
N LEU A 216 11.13 -0.89 4.76
CA LEU A 216 10.45 -0.33 3.61
C LEU A 216 10.69 1.17 3.44
N PHE A 217 10.76 1.91 4.56
CA PHE A 217 10.88 3.37 4.51
C PHE A 217 12.29 3.90 4.79
N SER A 218 12.91 3.40 5.87
CA SER A 218 14.16 3.95 6.39
C SER A 218 15.31 3.86 5.41
N ARG A 219 15.27 2.86 4.52
CA ARG A 219 16.40 2.62 3.63
C ARG A 219 16.26 3.27 2.24
N LEU A 220 15.20 4.03 2.03
CA LEU A 220 15.07 4.70 0.75
C LEU A 220 16.04 5.86 0.66
N PRO A 221 16.73 5.99 -0.49
CA PRO A 221 17.54 7.18 -0.70
C PRO A 221 16.68 8.37 -1.13
N GLU A 222 17.27 9.55 -1.22
CA GLU A 222 16.55 10.73 -1.70
C GLU A 222 16.09 10.50 -3.14
N LYS A 223 15.02 11.19 -3.53
CA LYS A 223 14.53 11.19 -4.93
C LYS A 223 13.95 9.84 -5.36
N VAL A 224 13.52 9.05 -4.39
CA VAL A 224 12.78 7.82 -4.69
C VAL A 224 11.39 7.95 -4.09
N ARG A 225 10.38 7.71 -4.92
CA ARG A 225 8.98 7.80 -4.49
C ARG A 225 8.46 6.42 -4.14
N LEU A 226 7.84 6.30 -2.97
CA LEU A 226 7.15 5.07 -2.60
C LEU A 226 5.72 5.39 -2.20
N THR A 227 4.79 4.55 -2.64
CA THR A 227 3.42 4.57 -2.14
C THR A 227 3.16 3.24 -1.47
N ALA A 228 2.73 3.24 -0.21
CA ALA A 228 2.41 2.01 0.50
C ALA A 228 0.96 2.04 0.97
N VAL A 229 0.21 1.01 0.61
CA VAL A 229 -1.19 0.87 1.00
C VAL A 229 -1.32 -0.28 1.99
N PHE A 230 -1.81 0.03 3.17
CA PHE A 230 -2.01 -0.95 4.22
C PHE A 230 -3.50 -1.08 4.51
N ASP A 231 -4.05 -2.21 4.05
CA ASP A 231 -5.43 -2.54 4.30
C ASP A 231 -5.49 -3.61 5.39
N CYS A 232 -5.45 -3.18 6.65
CA CYS A 232 -5.52 -4.14 7.75
C CYS A 232 -6.48 -3.84 8.89
N GLY A 233 -7.76 -3.75 8.54
CA GLY A 233 -8.90 -3.83 9.46
C GLY A 233 -9.08 -2.83 10.59
N HIS A 234 -8.22 -2.95 11.60
CA HIS A 234 -8.41 -2.25 12.87
C HIS A 234 -7.19 -1.43 13.29
N SER A 235 -6.02 -1.96 12.99
CA SER A 235 -4.76 -1.49 13.56
C SER A 235 -4.27 -0.19 12.95
N GLY A 236 -5.16 0.55 12.28
CA GLY A 236 -4.87 1.80 11.56
C GLY A 236 -3.61 2.57 11.93
N SER A 237 -2.47 1.89 11.83
CA SER A 237 -1.15 2.48 12.09
C SER A 237 -0.78 3.38 10.91
N ILE A 238 0.25 4.20 11.10
CA ILE A 238 0.82 4.96 10.01
C ILE A 238 2.33 4.75 9.99
N MET A 239 2.74 3.68 10.66
CA MET A 239 4.07 3.10 10.48
C MET A 239 5.21 3.98 10.94
N ASP A 240 5.00 4.72 12.03
CA ASP A 240 6.00 5.67 12.55
C ASP A 240 6.37 6.80 11.58
N LEU A 241 5.50 7.12 10.62
CA LEU A 241 5.70 8.26 9.70
C LEU A 241 5.39 9.59 10.38
N PRO A 242 6.16 10.64 10.04
CA PRO A 242 6.04 11.88 10.82
C PRO A 242 4.83 12.78 10.50
N PHE A 243 4.20 12.59 9.36
CA PHE A 243 3.17 13.51 8.87
C PHE A 243 1.90 12.77 8.49
N THR A 244 0.75 13.35 8.84
CA THR A 244 -0.51 12.72 8.51
C THR A 244 -1.63 13.72 8.28
N TYR A 245 -2.66 13.25 7.57
CA TYR A 245 -3.89 14.00 7.36
C TYR A 245 -5.03 13.01 7.23
N VAL A 246 -6.05 13.22 8.05
CA VAL A 246 -7.23 12.37 8.05
C VAL A 246 -8.37 13.17 7.42
N CYS A 247 -8.97 12.62 6.36
CA CYS A 247 -10.05 13.31 5.67
C CYS A 247 -11.38 12.97 6.34
N SER A 248 -11.63 13.59 7.48
N SER A 248 -11.62 13.61 7.48
CA SER A 248 -12.83 13.33 8.27
CA SER A 248 -12.82 13.39 8.30
C SER A 248 -14.07 14.02 7.72
C SER A 248 -14.07 14.01 7.70
N GLY A 249 -15.23 13.67 8.28
CA GLY A 249 -16.54 14.13 7.80
C GLY A 249 -16.72 15.62 7.60
N GLY A 250 -15.96 16.42 8.34
CA GLY A 250 -16.11 17.88 8.34
C GLY A 250 -15.29 18.63 7.31
N GLU A 251 -14.39 17.94 6.63
CA GLU A 251 -13.61 18.55 5.56
C GLU A 251 -14.50 18.85 4.37
N GLN A 252 -14.18 19.92 3.63
CA GLN A 252 -14.95 20.27 2.43
C GLN A 252 -14.00 20.56 1.25
N ALA A 253 -14.51 20.37 0.03
CA ALA A 253 -13.78 20.72 -1.20
C ALA A 253 -13.33 22.18 -1.19
N SER A 254 -14.17 23.05 -0.63
CA SER A 254 -13.88 24.50 -0.57
C SER A 254 -13.06 24.88 0.66
N GLY A 255 -12.53 23.89 1.38
CA GLY A 255 -11.59 24.13 2.46
C GLY A 255 -10.16 23.99 1.94
N THR A 256 -9.18 24.29 2.79
CA THR A 256 -7.79 24.08 2.41
C THR A 256 -7.06 23.24 3.45
N PRO A 257 -6.99 21.91 3.23
CA PRO A 257 -6.37 21.05 4.22
C PRO A 257 -4.84 21.10 4.19
N HIS A 258 -4.23 20.78 5.33
CA HIS A 258 -2.78 20.62 5.45
C HIS A 258 -2.51 19.36 6.27
N MET A 259 -1.37 18.70 5.98
CA MET A 259 -0.87 17.62 6.84
C MET A 259 -0.39 18.21 8.16
N LYS A 260 -0.36 17.38 9.19
CA LYS A 260 0.17 17.77 10.49
C LYS A 260 1.33 16.88 10.91
N ARG A 261 2.28 17.44 11.66
CA ARG A 261 3.33 16.63 12.25
C ARG A 261 2.80 15.91 13.50
N ILE A 262 2.91 14.58 13.51
CA ILE A 262 2.49 13.80 14.67
C ILE A 262 3.62 13.03 15.37
N ARG A 263 4.85 13.23 14.90
CA ARG A 263 5.98 12.57 15.50
C ARG A 263 7.21 13.45 15.34
N GLU A 264 8.02 13.50 16.40
CA GLU A 264 9.24 14.28 16.36
C GLU A 264 10.36 13.46 15.72
N GLY A 265 11.18 14.13 14.93
CA GLY A 265 12.28 13.47 14.23
C GLY A 265 11.81 12.66 13.03
N ASN A 266 12.74 12.28 12.19
CA ASN A 266 12.43 11.62 10.91
C ASN A 266 13.66 10.88 10.38
N ASP A 267 13.50 9.61 10.05
CA ASP A 267 14.61 8.81 9.55
C ASP A 267 14.42 8.42 8.08
N VAL A 268 13.48 9.07 7.41
CA VAL A 268 13.13 8.71 6.03
C VAL A 268 13.62 9.78 5.06
N LEU A 269 14.53 9.39 4.18
CA LEU A 269 15.13 10.29 3.20
C LEU A 269 14.26 10.42 1.96
N GLY A 270 13.68 9.29 1.56
CA GLY A 270 12.84 9.21 0.36
C GLY A 270 11.44 9.78 0.52
N ASP A 271 10.71 9.82 -0.58
CA ASP A 271 9.35 10.35 -0.57
C ASP A 271 8.36 9.21 -0.41
N VAL A 272 7.94 8.98 0.83
CA VAL A 272 7.02 7.90 1.14
C VAL A 272 5.62 8.46 1.37
N MET A 273 4.65 7.82 0.74
CA MET A 273 3.25 8.19 0.84
C MET A 273 2.52 6.91 1.25
N MET A 274 1.74 6.97 2.30
CA MET A 274 1.01 5.82 2.77
C MET A 274 -0.46 6.11 2.80
N ILE A 275 -1.26 5.17 2.29
CA ILE A 275 -2.71 5.24 2.33
C ILE A 275 -3.20 4.13 3.27
N SER A 276 -4.09 4.49 4.18
CA SER A 276 -4.72 3.54 5.09
C SER A 276 -6.09 4.09 5.49
N GLY A 277 -6.82 3.35 6.32
CA GLY A 277 -8.12 3.79 6.81
C GLY A 277 -8.13 3.96 8.32
N CYS A 278 -8.80 5.00 8.80
CA CYS A 278 -9.02 5.11 10.23
C CYS A 278 -10.44 5.55 10.59
N ALA A 279 -10.76 5.43 11.87
CA ALA A 279 -11.98 5.99 12.44
C ALA A 279 -12.08 7.49 12.12
N ASP A 280 -13.30 7.95 11.85
CA ASP A 280 -13.56 9.37 11.63
C ASP A 280 -13.11 10.17 12.86
N GLU A 281 -12.35 11.25 12.63
CA GLU A 281 -11.88 12.13 13.70
C GLU A 281 -12.89 13.22 14.09
N GLN A 282 -13.86 13.47 13.21
CA GLN A 282 -15.02 14.29 13.55
C GLN A 282 -15.74 13.59 14.70
N THR A 283 -16.07 14.35 15.75
CA THR A 283 -16.83 13.80 16.88
C THR A 283 -18.28 13.59 16.44
N SER A 284 -18.82 12.42 16.74
CA SER A 284 -20.17 12.04 16.32
C SER A 284 -21.25 12.82 17.08
N ALA A 285 -22.31 13.16 16.36
CA ALA A 285 -23.44 13.91 16.92
C ALA A 285 -24.61 12.98 17.25
N ALA A 300 -15.46 -3.63 7.76
CA ALA A 300 -14.18 -3.22 8.35
C ALA A 300 -13.03 -3.41 7.35
N GLY A 301 -13.12 -4.44 6.52
CA GLY A 301 -12.05 -4.76 5.59
C GLY A 301 -12.26 -4.16 4.21
N GLY A 302 -11.15 -3.74 3.61
CA GLY A 302 -11.13 -3.31 2.22
C GLY A 302 -11.13 -1.82 1.98
N ALA A 303 -11.18 -1.03 3.07
CA ALA A 303 -11.28 0.43 2.95
C ALA A 303 -10.05 1.10 2.33
N ALA A 304 -8.87 0.73 2.80
CA ALA A 304 -7.62 1.33 2.24
C ALA A 304 -7.46 1.04 0.73
N THR A 305 -7.83 -0.18 0.32
CA THR A 305 -7.78 -0.57 -1.09
C THR A 305 -8.81 0.19 -1.94
N GLN A 306 -10.03 0.35 -1.44
CA GLN A 306 -11.01 1.13 -2.20
C GLN A 306 -10.53 2.57 -2.34
N CYS A 307 -9.85 3.08 -1.32
N CYS A 307 -9.86 3.07 -1.30
CA CYS A 307 -9.41 4.45 -1.32
CA CYS A 307 -9.39 4.46 -1.29
C CYS A 307 -8.41 4.70 -2.45
C CYS A 307 -8.41 4.71 -2.42
N ILE A 308 -7.34 3.90 -2.48
CA ILE A 308 -6.30 4.06 -3.48
C ILE A 308 -6.77 3.72 -4.91
N THR A 309 -7.62 2.70 -5.05
CA THR A 309 -8.19 2.37 -6.36
C THR A 309 -9.13 3.47 -6.89
N CYS A 310 -10.02 3.97 -6.02
N CYS A 310 -10.01 3.99 -6.03
CA CYS A 310 -10.91 5.10 -6.38
CA CYS A 310 -10.91 5.07 -6.47
C CYS A 310 -10.10 6.33 -6.75
C CYS A 310 -10.16 6.39 -6.70
N MET A 311 -9.05 6.59 -5.97
CA MET A 311 -8.13 7.69 -6.25
C MET A 311 -7.53 7.55 -7.64
N LEU A 312 -7.01 6.35 -7.95
CA LEU A 312 -6.41 6.07 -9.26
C LEU A 312 -7.43 6.07 -10.40
N MET A 313 -8.62 5.54 -10.16
CA MET A 313 -9.65 5.45 -11.19
C MET A 313 -10.26 6.81 -11.53
N ASN A 314 -10.09 7.79 -10.65
CA ASN A 314 -10.54 9.13 -10.97
C ASN A 314 -9.64 9.64 -12.10
N ASN A 315 -10.22 10.00 -13.23
CA ASN A 315 -9.41 10.27 -14.43
C ASN A 315 -8.94 11.72 -14.63
N GLN A 316 -9.38 12.60 -13.75
N GLN A 316 -9.37 12.61 -13.74
CA GLN A 316 -9.35 14.05 -13.96
CA GLN A 316 -9.34 14.05 -13.98
C GLN A 316 -8.18 14.84 -13.35
C GLN A 316 -8.18 14.84 -13.35
N SER A 317 -7.11 14.15 -12.96
CA SER A 317 -5.94 14.81 -12.33
C SER A 317 -6.29 15.77 -11.18
N LEU A 318 -6.96 15.26 -10.16
N LEU A 318 -6.96 15.26 -10.16
CA LEU A 318 -7.31 16.05 -8.98
CA LEU A 318 -7.32 16.06 -8.99
C LEU A 318 -6.11 16.18 -8.06
C LEU A 318 -6.12 16.17 -8.04
N SER A 319 -6.16 17.17 -7.18
CA SER A 319 -5.15 17.32 -6.13
C SER A 319 -5.38 16.28 -5.04
N TYR A 320 -4.35 15.98 -4.25
CA TYR A 320 -4.48 15.07 -3.10
C TYR A 320 -5.71 15.45 -2.28
N GLY A 321 -5.84 16.74 -2.00
CA GLY A 321 -6.90 17.27 -1.15
C GLY A 321 -8.29 17.07 -1.71
N LYS A 322 -8.53 17.48 -2.95
CA LYS A 322 -9.85 17.31 -3.58
C LYS A 322 -10.17 15.85 -3.78
N LEU A 323 -9.17 15.09 -4.16
CA LEU A 323 -9.34 13.68 -4.41
C LEU A 323 -9.72 12.94 -3.12
N LEU A 324 -9.11 13.31 -2.00
CA LEU A 324 -9.45 12.67 -0.73
C LEU A 324 -10.90 12.91 -0.27
N ILE A 325 -11.46 14.08 -0.56
CA ILE A 325 -12.88 14.35 -0.27
C ILE A 325 -13.79 13.34 -1.01
N GLU A 326 -13.58 13.23 -2.33
CA GLU A 326 -14.30 12.26 -3.17
C GLU A 326 -14.19 10.81 -2.70
N THR A 327 -13.00 10.44 -2.26
N THR A 327 -13.00 10.39 -2.26
CA THR A 327 -12.73 9.09 -1.76
CA THR A 327 -12.85 9.01 -1.76
C THR A 327 -13.45 8.85 -0.43
C THR A 327 -13.50 8.83 -0.41
N ARG A 328 -13.42 9.85 0.45
CA ARG A 328 -14.12 9.83 1.74
C ARG A 328 -15.62 9.66 1.53
N ASP A 329 -16.16 10.37 0.54
CA ASP A 329 -17.57 10.24 0.16
C ASP A 329 -17.89 8.86 -0.37
N MET A 330 -17.03 8.32 -1.22
CA MET A 330 -17.17 6.95 -1.74
C MET A 330 -17.23 5.93 -0.60
N LEU A 331 -16.29 6.03 0.34
CA LEU A 331 -16.23 5.12 1.49
C LEU A 331 -17.52 5.11 2.34
N LYS A 332 -18.00 6.31 2.65
CA LYS A 332 -19.23 6.46 3.44
C LYS A 332 -20.42 5.87 2.70
N ARG A 333 -20.50 6.15 1.40
CA ARG A 333 -21.46 5.55 0.48
C ARG A 333 -21.53 4.03 0.55
N LYS A 334 -20.38 3.37 0.41
CA LYS A 334 -20.33 1.91 0.33
C LYS A 334 -20.38 1.24 1.70
N ARG A 335 -20.65 2.05 2.73
CA ARG A 335 -20.78 1.58 4.11
C ARG A 335 -19.46 1.06 4.69
N PHE A 336 -18.36 1.76 4.39
CA PHE A 336 -17.11 1.49 5.08
C PHE A 336 -17.09 2.18 6.45
N LYS A 337 -16.41 1.56 7.41
CA LYS A 337 -16.26 2.12 8.74
C LYS A 337 -15.24 3.27 8.73
N GLN A 338 -14.25 3.16 7.85
CA GLN A 338 -13.08 4.04 7.87
C GLN A 338 -13.26 5.30 7.02
N VAL A 339 -12.48 6.34 7.35
CA VAL A 339 -12.25 7.48 6.46
C VAL A 339 -10.81 7.36 5.95
N PRO A 340 -10.46 8.04 4.83
CA PRO A 340 -9.08 7.94 4.34
C PRO A 340 -8.08 8.64 5.25
N GLN A 341 -6.88 8.06 5.35
CA GLN A 341 -5.75 8.66 6.05
C GLN A 341 -4.52 8.65 5.15
N LEU A 342 -3.98 9.83 4.89
CA LEU A 342 -2.77 9.96 4.13
C LEU A 342 -1.65 10.27 5.11
N SER A 343 -0.60 9.47 5.08
CA SER A 343 0.60 9.75 5.86
C SER A 343 1.81 9.81 4.95
N ALA A 344 2.86 10.49 5.38
CA ALA A 344 4.02 10.72 4.53
C ALA A 344 5.29 11.08 5.30
N SER A 345 6.42 10.99 4.61
CA SER A 345 7.74 11.29 5.17
C SER A 345 8.10 12.77 5.05
N LYS A 346 7.23 13.52 4.37
CA LYS A 346 7.27 14.98 4.29
C LYS A 346 5.84 15.55 4.40
N ALA A 347 5.73 16.83 4.75
CA ALA A 347 4.45 17.55 4.72
C ALA A 347 4.08 17.82 3.27
N ILE A 348 3.23 16.97 2.68
CA ILE A 348 2.85 17.16 1.28
C ILE A 348 1.91 18.35 1.15
N ASP A 349 2.19 19.24 0.21
CA ASP A 349 1.24 20.27 -0.20
C ASP A 349 0.05 19.56 -0.85
N LEU A 350 -1.11 19.59 -0.19
CA LEU A 350 -2.26 18.83 -0.68
C LEU A 350 -2.96 19.47 -1.88
N ASP A 351 -2.47 20.64 -2.31
CA ASP A 351 -2.88 21.27 -3.58
C ASP A 351 -2.12 20.64 -4.75
N GLN A 352 -1.02 19.96 -4.47
CA GLN A 352 -0.31 19.20 -5.51
C GLN A 352 -1.21 18.10 -6.10
N THR A 353 -1.08 17.85 -7.41
CA THR A 353 -1.80 16.75 -8.08
C THR A 353 -1.40 15.37 -7.56
N PHE A 354 -2.40 14.53 -7.27
CA PHE A 354 -2.15 13.13 -6.89
C PHE A 354 -1.48 12.35 -8.01
N SER A 355 -0.47 11.56 -7.65
CA SER A 355 0.21 10.65 -8.60
C SER A 355 0.94 9.56 -7.83
N LEU A 356 1.33 8.50 -8.53
CA LEU A 356 2.11 7.42 -7.95
C LEU A 356 3.60 7.60 -8.21
N THR A 357 3.94 8.54 -9.08
CA THR A 357 5.26 8.58 -9.69
C THR A 357 6.09 9.80 -9.31
N GLU A 358 5.44 10.83 -8.78
CA GLU A 358 6.11 12.13 -8.59
C GLU A 358 6.59 12.42 -7.18
N MET A 359 7.69 13.15 -7.10
CA MET A 359 8.22 13.65 -5.85
C MET A 359 7.23 14.65 -5.26
N PHE A 360 7.31 14.82 -3.94
CA PHE A 360 6.38 15.68 -3.21
C PHE A 360 6.74 17.14 -3.33
N SER A 361 5.73 17.98 -3.53
N SER A 361 5.72 17.97 -3.52
CA SER A 361 5.90 19.40 -3.27
CA SER A 361 5.80 19.41 -3.28
C SER A 361 5.63 19.61 -1.80
C SER A 361 5.61 19.59 -1.78
N VAL A 362 6.58 20.23 -1.13
CA VAL A 362 6.56 20.39 0.31
C VAL A 362 5.75 21.62 0.75
N ASP A 363 4.87 21.39 1.71
CA ASP A 363 4.15 22.43 2.40
C ASP A 363 5.09 23.01 3.45
N ARG A 364 5.62 24.21 3.17
N ARG A 364 5.64 24.19 3.17
CA ARG A 364 6.64 24.83 4.00
CA ARG A 364 6.65 24.80 4.04
C ARG A 364 6.07 25.34 5.32
C ARG A 364 6.08 25.40 5.32
N SER A 365 4.75 25.50 5.40
CA SER A 365 4.08 26.00 6.59
C SER A 365 3.98 24.95 7.70
N ILE A 366 4.33 23.70 7.37
CA ILE A 366 4.33 22.62 8.36
C ILE A 366 5.75 22.32 8.80
N GLN A 367 5.98 22.45 10.10
CA GLN A 367 7.30 22.42 10.68
C GLN A 367 7.60 21.06 11.30
SM SM B . 5.76 1.15 16.53
#